data_3OG8
#
_entry.id   3OG8
#
_cell.length_a   36.990
_cell.length_b   70.300
_cell.length_c   125.540
_cell.angle_alpha   90.00
_cell.angle_beta   90.00
_cell.angle_gamma   90.00
#
_symmetry.space_group_name_H-M   'P 21 21 21'
#
loop_
_entity.id
_entity.type
_entity.pdbx_description
1 polymer 'Antiviral innate immune response receptor RIG-I'
2 polymer "RNA (5'-R(*GP*GP*CP*GP*CP*GP*CP*GP*CP*GP*CP*GP*CP*C)-3')"
3 non-polymer 'ZINC ION'
4 water water
#
loop_
_entity_poly.entity_id
_entity_poly.type
_entity_poly.pdbx_seq_one_letter_code
_entity_poly.pdbx_strand_id
1 'polypeptide(L)'
;MDKENKKLLCRKCKALACYTADVRVIEESHYTVLGDAFKECFVSRPHPKPKQFSSFEKRAKIFCARQNCSHDWGIHVKYK
TFEIPVIKIESFVVEDIATGVQTLYSKWKDFHFEKIPFDPAEMSKLEH
;
A,B
2 'polyribonucleotide' GGCGCGCGCGCGCC C,D
#
loop_
_chem_comp.id
_chem_comp.type
_chem_comp.name
_chem_comp.formula
C RNA linking CYTIDINE-5'-MONOPHOSPHATE 'C9 H14 N3 O8 P'
G RNA linking GUANOSINE-5'-MONOPHOSPHATE 'C10 H14 N5 O8 P'
ZN non-polymer 'ZINC ION' 'Zn 2'
#
# COMPACT_ATOMS: atom_id res chain seq x y z
N LYS A 3 -25.78 -7.17 -14.40
CA LYS A 3 -26.75 -6.06 -14.13
C LYS A 3 -26.51 -4.87 -15.06
N GLU A 4 -26.76 -3.66 -14.55
CA GLU A 4 -26.57 -2.43 -15.33
C GLU A 4 -25.16 -2.30 -15.91
N ASN A 5 -25.01 -1.45 -16.93
CA ASN A 5 -23.72 -1.27 -17.58
C ASN A 5 -22.93 -0.09 -17.02
N LYS A 6 -21.62 -0.23 -16.97
CA LYS A 6 -20.76 0.81 -16.45
C LYS A 6 -19.68 1.12 -17.44
N LYS A 7 -19.03 2.26 -17.26
CA LYS A 7 -17.95 2.73 -18.12
C LYS A 7 -16.63 2.62 -17.37
N LEU A 8 -15.55 2.44 -18.13
CA LEU A 8 -14.21 2.40 -17.56
C LEU A 8 -13.49 3.59 -18.19
N LEU A 9 -13.03 4.52 -17.34
CA LEU A 9 -12.32 5.71 -17.79
C LEU A 9 -10.85 5.61 -17.43
N CYS A 10 -9.98 6.18 -18.25
CA CYS A 10 -8.57 6.12 -17.94
C CYS A 10 -8.39 6.91 -16.65
N ARG A 11 -7.63 6.37 -15.71
CA ARG A 11 -7.43 7.05 -14.44
C ARG A 11 -6.65 8.36 -14.60
N LYS A 12 -5.74 8.39 -15.56
CA LYS A 12 -4.90 9.56 -15.77
C LYS A 12 -5.53 10.71 -16.54
N CYS A 13 -6.08 10.41 -17.71
CA CYS A 13 -6.67 11.45 -18.54
C CYS A 13 -8.19 11.46 -18.49
N LYS A 14 -8.75 10.40 -17.91
CA LYS A 14 -10.19 10.21 -17.78
C LYS A 14 -10.96 10.08 -19.09
N ALA A 15 -10.33 9.51 -20.11
CA ALA A 15 -10.99 9.30 -21.39
C ALA A 15 -11.71 7.96 -21.34
N LEU A 16 -12.82 7.84 -22.07
CA LEU A 16 -13.58 6.59 -22.11
C LEU A 16 -12.66 5.50 -22.64
N ALA A 17 -12.58 4.37 -21.95
CA ALA A 17 -11.73 3.27 -22.38
C ALA A 17 -12.57 2.17 -23.00
N CYS A 18 -13.53 1.68 -22.23
CA CYS A 18 -14.40 0.61 -22.70
C CYS A 18 -15.59 0.49 -21.75
N TYR A 19 -16.41 -0.52 -21.98
CA TYR A 19 -17.59 -0.75 -21.14
C TYR A 19 -17.46 -2.11 -20.48
N THR A 20 -18.04 -2.26 -19.29
CA THR A 20 -17.94 -3.55 -18.60
C THR A 20 -18.68 -4.65 -19.36
N ALA A 21 -19.57 -4.25 -20.28
CA ALA A 21 -20.33 -5.21 -21.07
C ALA A 21 -19.41 -5.98 -22.01
N ASP A 22 -18.29 -5.38 -22.39
CA ASP A 22 -17.35 -6.00 -23.29
C ASP A 22 -16.19 -6.71 -22.56
N VAL A 23 -16.28 -6.80 -21.24
CA VAL A 23 -15.24 -7.46 -20.45
C VAL A 23 -15.49 -8.96 -20.28
N ARG A 24 -14.43 -9.75 -20.49
CA ARG A 24 -14.53 -11.20 -20.36
C ARG A 24 -13.46 -11.67 -19.39
N VAL A 25 -13.82 -12.59 -18.50
CA VAL A 25 -12.90 -13.09 -17.50
C VAL A 25 -12.31 -14.45 -17.81
N ILE A 26 -10.99 -14.54 -17.70
CA ILE A 26 -10.28 -15.76 -17.94
C ILE A 26 -9.75 -16.35 -16.63
N GLU A 27 -10.07 -17.62 -16.40
CA GLU A 27 -9.64 -18.32 -15.21
C GLU A 27 -10.03 -17.59 -13.92
N GLU A 28 -11.18 -16.92 -13.96
CA GLU A 28 -11.70 -16.16 -12.81
C GLU A 28 -10.76 -15.10 -12.24
N SER A 29 -9.67 -14.77 -12.95
CA SER A 29 -8.76 -13.77 -12.41
C SER A 29 -8.16 -12.74 -13.39
N HIS A 30 -8.12 -13.06 -14.69
CA HIS A 30 -7.59 -12.14 -15.68
C HIS A 30 -8.72 -11.54 -16.49
N TYR A 31 -8.59 -10.27 -16.89
CA TYR A 31 -9.64 -9.60 -17.66
C TYR A 31 -9.24 -8.97 -18.98
N THR A 32 -10.03 -9.26 -20.01
CA THR A 32 -9.77 -8.74 -21.35
C THR A 32 -11.02 -7.96 -21.84
N VAL A 33 -10.87 -7.27 -22.97
CA VAL A 33 -11.99 -6.53 -23.52
C VAL A 33 -12.22 -6.92 -24.98
N LEU A 34 -13.48 -7.26 -25.29
CA LEU A 34 -13.84 -7.66 -26.64
C LEU A 34 -14.12 -6.46 -27.53
N GLY A 35 -13.93 -6.61 -28.83
CA GLY A 35 -14.21 -5.52 -29.75
C GLY A 35 -13.02 -4.95 -30.49
N ASP A 36 -13.28 -4.46 -31.70
CA ASP A 36 -12.23 -3.86 -32.51
C ASP A 36 -12.11 -2.39 -32.18
N ALA A 37 -13.21 -1.83 -31.68
CA ALA A 37 -13.28 -0.43 -31.32
C ALA A 37 -12.28 -0.11 -30.22
N PHE A 38 -12.18 -1.01 -29.25
CA PHE A 38 -11.28 -0.87 -28.11
C PHE A 38 -9.81 -0.75 -28.50
N LYS A 39 -9.41 -1.44 -29.57
CA LYS A 39 -8.02 -1.41 -30.03
C LYS A 39 -7.55 -0.01 -30.42
N GLU A 40 -8.49 0.88 -30.69
CA GLU A 40 -8.16 2.26 -31.07
C GLU A 40 -7.81 3.05 -29.81
N CYS A 41 -8.22 2.52 -28.68
CA CYS A 41 -8.01 3.19 -27.40
C CYS A 41 -6.68 2.97 -26.72
N PHE A 42 -5.92 1.95 -27.14
CA PHE A 42 -4.63 1.68 -26.50
C PHE A 42 -3.52 1.35 -27.51
N VAL A 43 -2.28 1.57 -27.10
CA VAL A 43 -1.12 1.26 -27.94
C VAL A 43 -0.32 0.16 -27.26
N SER A 44 0.36 -0.64 -28.07
CA SER A 44 1.15 -1.75 -27.58
C SER A 44 2.65 -1.50 -27.70
N ARG A 45 3.41 -1.95 -26.70
CA ARG A 45 4.85 -1.76 -26.73
C ARG A 45 5.64 -2.85 -26.02
N PRO A 46 6.77 -3.27 -26.60
CA PRO A 46 7.66 -4.31 -26.07
C PRO A 46 7.79 -4.29 -24.57
N HIS A 47 7.48 -5.43 -23.96
CA HIS A 47 7.59 -5.57 -22.51
C HIS A 47 9.07 -5.79 -22.21
N PRO A 48 9.62 -5.04 -21.24
CA PRO A 48 11.04 -5.23 -20.96
C PRO A 48 11.35 -6.66 -20.54
N LYS A 49 10.59 -7.18 -19.60
CA LYS A 49 10.79 -8.54 -19.09
C LYS A 49 9.67 -9.52 -19.43
N PRO A 50 9.67 -10.03 -20.68
CA PRO A 50 8.65 -10.98 -21.12
C PRO A 50 8.65 -12.22 -20.22
N LYS A 51 7.48 -12.76 -19.96
CA LYS A 51 7.36 -13.91 -19.08
C LYS A 51 6.16 -14.75 -19.49
N GLN A 52 6.07 -15.96 -18.96
CA GLN A 52 4.94 -16.82 -19.28
C GLN A 52 4.37 -17.35 -17.97
N PHE A 53 3.09 -17.04 -17.71
CA PHE A 53 2.44 -17.49 -16.49
C PHE A 53 1.09 -18.07 -16.82
N SER A 54 0.55 -18.87 -15.90
CA SER A 54 -0.74 -19.52 -16.10
C SER A 54 -0.83 -19.98 -17.55
N SER A 55 -1.72 -19.36 -18.31
CA SER A 55 -1.90 -19.73 -19.71
C SER A 55 -1.46 -18.69 -20.74
N PHE A 56 -0.84 -17.60 -20.27
CA PHE A 56 -0.41 -16.54 -21.19
C PHE A 56 1.10 -16.42 -21.43
N GLU A 57 1.43 -15.69 -22.49
CA GLU A 57 2.82 -15.40 -22.84
C GLU A 57 2.88 -13.88 -22.96
N LYS A 58 3.42 -13.22 -21.93
CA LYS A 58 3.52 -11.77 -21.89
C LYS A 58 4.43 -11.23 -22.99
N ARG A 59 3.84 -10.50 -23.94
CA ARG A 59 4.61 -9.93 -25.05
C ARG A 59 4.82 -8.41 -24.94
N ALA A 60 3.89 -7.71 -24.31
CA ALA A 60 4.00 -6.26 -24.18
C ALA A 60 3.10 -5.66 -23.13
N LYS A 61 3.24 -4.34 -22.95
CA LYS A 61 2.44 -3.59 -22.01
C LYS A 61 1.58 -2.69 -22.89
N ILE A 62 0.37 -2.34 -22.44
CA ILE A 62 -0.47 -1.45 -23.23
C ILE A 62 -0.67 -0.13 -22.50
N PHE A 63 -0.77 0.95 -23.25
CA PHE A 63 -0.94 2.28 -22.67
C PHE A 63 -2.06 3.02 -23.37
N CYS A 64 -2.58 4.04 -22.70
CA CYS A 64 -3.63 4.88 -23.24
C CYS A 64 -3.15 5.48 -24.56
N ALA A 65 -3.95 5.33 -25.61
CA ALA A 65 -3.60 5.85 -26.92
C ALA A 65 -3.66 7.37 -27.00
N ARG A 66 -4.14 8.02 -25.95
CA ARG A 66 -4.28 9.48 -25.94
C ARG A 66 -2.97 10.23 -26.06
N GLN A 67 -3.11 11.52 -26.39
CA GLN A 67 -1.98 12.42 -26.60
C GLN A 67 -0.81 12.29 -25.64
N ASN A 68 -0.82 13.10 -24.58
CA ASN A 68 0.27 13.09 -23.61
C ASN A 68 0.01 12.17 -22.44
N CYS A 69 -0.96 11.28 -22.57
CA CYS A 69 -1.31 10.38 -21.47
C CYS A 69 -0.43 9.13 -21.39
N SER A 70 -0.73 8.14 -22.21
CA SER A 70 0.03 6.90 -22.22
C SER A 70 0.05 6.26 -20.83
N HIS A 71 -1.10 6.29 -20.16
CA HIS A 71 -1.17 5.68 -18.84
C HIS A 71 -1.11 4.16 -19.01
N ASP A 72 -0.29 3.51 -18.18
CA ASP A 72 -0.13 2.06 -18.20
C ASP A 72 -1.48 1.38 -17.92
N TRP A 73 -2.01 0.65 -18.90
CA TRP A 73 -3.30 -0.03 -18.72
C TRP A 73 -3.22 -1.52 -18.43
N GLY A 74 -2.10 -2.14 -18.78
CA GLY A 74 -1.97 -3.57 -18.55
C GLY A 74 -1.00 -4.21 -19.52
N ILE A 75 -1.35 -5.37 -20.03
CA ILE A 75 -0.46 -6.08 -20.94
C ILE A 75 -1.18 -6.63 -22.16
N HIS A 76 -0.40 -7.19 -23.07
CA HIS A 76 -0.96 -7.84 -24.25
C HIS A 76 -0.35 -9.24 -24.25
N VAL A 77 -1.20 -10.26 -24.45
CA VAL A 77 -0.73 -11.64 -24.43
C VAL A 77 -1.23 -12.55 -25.52
N LYS A 78 -0.78 -13.79 -25.44
CA LYS A 78 -1.17 -14.85 -26.35
C LYS A 78 -1.97 -15.82 -25.49
N TYR A 79 -3.24 -15.99 -25.81
CA TYR A 79 -4.07 -16.92 -25.07
C TYR A 79 -4.70 -17.85 -26.09
N LYS A 80 -4.27 -19.10 -26.09
CA LYS A 80 -4.76 -20.08 -27.04
C LYS A 80 -4.51 -19.56 -28.44
N THR A 81 -5.54 -19.63 -29.28
CA THR A 81 -5.46 -19.17 -30.67
C THR A 81 -5.59 -17.66 -30.77
N PHE A 82 -5.58 -16.96 -29.64
CA PHE A 82 -5.76 -15.50 -29.61
C PHE A 82 -4.60 -14.63 -29.12
N GLU A 83 -4.72 -13.35 -29.44
CA GLU A 83 -3.79 -12.31 -29.05
C GLU A 83 -4.71 -11.22 -28.50
N ILE A 84 -4.76 -11.11 -27.18
CA ILE A 84 -5.65 -10.18 -26.52
C ILE A 84 -5.04 -9.27 -25.43
N PRO A 85 -5.66 -8.11 -25.19
CA PRO A 85 -5.14 -7.21 -24.17
C PRO A 85 -5.70 -7.65 -22.82
N VAL A 86 -4.95 -7.41 -21.75
CA VAL A 86 -5.38 -7.78 -20.39
C VAL A 86 -5.21 -6.55 -19.48
N ILE A 87 -6.34 -6.02 -19.02
CA ILE A 87 -6.34 -4.83 -18.19
C ILE A 87 -6.41 -5.03 -16.68
N LYS A 88 -5.90 -4.04 -15.96
CA LYS A 88 -5.90 -4.04 -14.51
C LYS A 88 -6.85 -2.95 -14.06
N ILE A 89 -7.87 -3.33 -13.28
CA ILE A 89 -8.87 -2.37 -12.81
C ILE A 89 -8.24 -1.14 -12.13
N GLU A 90 -7.09 -1.34 -11.52
CA GLU A 90 -6.33 -0.31 -10.80
C GLU A 90 -5.97 0.92 -11.63
N SER A 91 -5.98 0.79 -12.95
CA SER A 91 -5.63 1.88 -13.84
C SER A 91 -6.83 2.68 -14.32
N PHE A 92 -8.03 2.17 -14.06
CA PHE A 92 -9.24 2.84 -14.53
C PHE A 92 -10.14 3.38 -13.43
N VAL A 93 -11.15 4.12 -13.87
CA VAL A 93 -12.17 4.69 -13.02
C VAL A 93 -13.44 4.06 -13.54
N VAL A 94 -14.26 3.54 -12.64
CA VAL A 94 -15.51 2.92 -13.02
C VAL A 94 -16.60 3.95 -12.83
N GLU A 95 -17.41 4.17 -13.88
CA GLU A 95 -18.48 5.14 -13.77
C GLU A 95 -19.84 4.59 -14.11
N ASP A 96 -20.78 4.68 -13.16
CA ASP A 96 -22.16 4.23 -13.37
C ASP A 96 -22.74 5.14 -14.45
N ILE A 97 -23.11 4.58 -15.59
CA ILE A 97 -23.64 5.35 -16.70
C ILE A 97 -24.90 6.19 -16.46
N ALA A 98 -25.74 5.78 -15.53
CA ALA A 98 -26.97 6.52 -15.26
C ALA A 98 -26.91 7.49 -14.09
N THR A 99 -25.76 7.62 -13.45
CA THR A 99 -25.66 8.53 -12.31
C THR A 99 -24.42 9.42 -12.30
N GLY A 100 -23.38 9.02 -13.04
CA GLY A 100 -22.17 9.81 -13.07
C GLY A 100 -21.26 9.48 -11.89
N VAL A 101 -21.79 8.66 -10.97
CA VAL A 101 -21.07 8.24 -9.78
C VAL A 101 -19.85 7.41 -10.14
N GLN A 102 -18.67 7.92 -9.80
CA GLN A 102 -17.41 7.25 -10.11
C GLN A 102 -16.80 6.55 -8.91
N THR A 103 -16.18 5.41 -9.15
CA THR A 103 -15.56 4.66 -8.07
C THR A 103 -14.23 4.03 -8.50
N LEU A 104 -13.31 3.89 -7.55
CA LEU A 104 -12.01 3.31 -7.83
C LEU A 104 -11.81 1.99 -7.10
N TYR A 105 -11.32 1.00 -7.83
CA TYR A 105 -11.05 -0.32 -7.27
C TYR A 105 -9.57 -0.66 -7.40
N SER A 106 -9.03 -1.28 -6.36
CA SER A 106 -7.62 -1.67 -6.35
C SER A 106 -7.42 -3.07 -6.92
N LYS A 107 -8.41 -3.93 -6.70
CA LYS A 107 -8.37 -5.32 -7.16
C LYS A 107 -9.66 -5.71 -7.86
N TRP A 108 -9.55 -6.49 -8.93
CA TRP A 108 -10.76 -6.92 -9.65
C TRP A 108 -11.79 -7.57 -8.72
N LYS A 109 -11.31 -8.35 -7.76
CA LYS A 109 -12.21 -9.04 -6.84
C LYS A 109 -13.09 -8.11 -6.01
N ASP A 110 -12.73 -6.83 -5.90
CA ASP A 110 -13.52 -5.90 -5.09
C ASP A 110 -14.59 -5.19 -5.91
N PHE A 111 -14.46 -5.31 -7.23
CA PHE A 111 -15.40 -4.69 -8.15
C PHE A 111 -16.41 -5.77 -8.54
N HIS A 112 -17.63 -5.61 -8.06
CA HIS A 112 -18.65 -6.61 -8.34
C HIS A 112 -19.65 -6.22 -9.43
N PHE A 113 -19.51 -6.89 -10.57
CA PHE A 113 -20.39 -6.68 -11.71
C PHE A 113 -20.53 -8.03 -12.39
N GLU A 114 -21.30 -8.09 -13.48
CA GLU A 114 -21.47 -9.35 -14.18
C GLU A 114 -20.17 -9.77 -14.84
N LYS A 115 -19.53 -10.79 -14.29
CA LYS A 115 -18.27 -11.26 -14.83
C LYS A 115 -18.43 -12.46 -15.75
N ILE A 116 -18.71 -12.16 -17.02
CA ILE A 116 -18.90 -13.15 -18.06
C ILE A 116 -17.60 -13.83 -18.46
N PRO A 117 -17.57 -15.17 -18.46
CA PRO A 117 -16.37 -15.92 -18.82
C PRO A 117 -15.97 -15.73 -20.29
N PHE A 118 -14.66 -15.75 -20.55
CA PHE A 118 -14.14 -15.61 -21.90
C PHE A 118 -14.53 -16.85 -22.71
N ASP A 119 -14.99 -16.68 -23.94
CA ASP A 119 -15.37 -17.82 -24.75
C ASP A 119 -14.82 -17.76 -26.16
N PRO A 120 -13.98 -18.74 -26.52
CA PRO A 120 -13.39 -18.76 -27.87
C PRO A 120 -14.45 -18.77 -28.98
N ALA A 121 -15.57 -19.41 -28.71
CA ALA A 121 -16.66 -19.49 -29.69
C ALA A 121 -17.30 -18.13 -29.89
N GLU A 122 -17.16 -17.26 -28.90
CA GLU A 122 -17.75 -15.92 -28.95
C GLU A 122 -16.94 -14.97 -29.81
N MET A 123 -15.71 -15.35 -30.12
CA MET A 123 -14.84 -14.50 -30.93
C MET A 123 -14.75 -14.98 -32.36
N SER A 124 -14.83 -16.29 -32.56
CA SER A 124 -14.77 -16.87 -33.89
C SER A 124 -16.09 -16.59 -34.59
N LYS A 125 -17.09 -16.19 -33.81
CA LYS A 125 -18.41 -15.87 -34.37
C LYS A 125 -18.42 -14.43 -34.82
N LEU A 126 -17.62 -13.59 -34.15
CA LEU A 126 -17.54 -12.18 -34.48
C LEU A 126 -16.42 -11.90 -35.47
N GLU A 127 -15.50 -12.84 -35.62
CA GLU A 127 -14.36 -12.67 -36.52
C GLU A 127 -14.49 -13.44 -37.83
N HIS A 128 -15.35 -14.46 -37.85
CA HIS A 128 -15.58 -15.26 -39.06
C HIS A 128 -17.01 -15.04 -39.56
N MET B 1 19.23 -15.95 30.18
CA MET B 1 19.00 -14.66 29.45
C MET B 1 17.72 -14.71 28.61
N ASP B 2 17.11 -13.54 28.42
CA ASP B 2 15.89 -13.42 27.61
C ASP B 2 16.30 -13.24 26.16
N LYS B 3 15.97 -14.18 25.28
CA LYS B 3 16.32 -14.03 23.88
C LYS B 3 15.10 -13.71 23.03
N GLU B 4 14.47 -12.59 23.37
CA GLU B 4 13.30 -12.07 22.67
C GLU B 4 13.46 -10.56 22.54
N ASN B 5 14.37 -9.99 23.32
CA ASN B 5 14.60 -8.56 23.26
C ASN B 5 15.08 -8.21 21.86
N LYS B 6 14.60 -7.09 21.34
CA LYS B 6 14.99 -6.69 20.00
C LYS B 6 15.46 -5.25 19.94
N LYS B 7 16.29 -4.96 18.95
CA LYS B 7 16.81 -3.61 18.75
C LYS B 7 15.97 -3.00 17.66
N LEU B 8 15.75 -1.68 17.74
CA LEU B 8 15.00 -0.96 16.73
C LEU B 8 15.99 0.00 16.11
N LEU B 9 16.21 -0.14 14.81
CA LEU B 9 17.16 0.72 14.11
C LEU B 9 16.46 1.62 13.09
N CYS B 10 16.86 2.89 13.05
CA CYS B 10 16.28 3.83 12.09
C CYS B 10 16.40 3.20 10.71
N ARG B 11 15.28 3.13 10.00
CA ARG B 11 15.24 2.51 8.70
C ARG B 11 16.11 3.25 7.68
N LYS B 12 16.15 4.57 7.77
CA LYS B 12 16.91 5.39 6.84
C LYS B 12 18.42 5.45 7.06
N CYS B 13 18.86 5.52 8.33
CA CYS B 13 20.31 5.58 8.59
C CYS B 13 20.90 4.40 9.37
N LYS B 14 20.04 3.52 9.86
CA LYS B 14 20.46 2.32 10.60
C LYS B 14 21.01 2.53 12.02
N ALA B 15 20.94 3.75 12.53
CA ALA B 15 21.43 4.02 13.89
C ALA B 15 20.50 3.37 14.93
N LEU B 16 21.07 3.00 16.07
CA LEU B 16 20.29 2.40 17.13
C LEU B 16 19.26 3.38 17.66
N ALA B 17 18.01 2.95 17.71
CA ALA B 17 16.96 3.81 18.20
C ALA B 17 16.64 3.48 19.66
N CYS B 18 16.31 2.22 19.92
CA CYS B 18 15.94 1.77 21.25
C CYS B 18 15.75 0.25 21.23
N TYR B 19 15.45 -0.31 22.40
CA TYR B 19 15.21 -1.73 22.55
C TYR B 19 13.73 -1.98 22.83
N THR B 20 13.22 -3.14 22.38
CA THR B 20 11.83 -3.49 22.58
C THR B 20 11.48 -3.62 24.05
N ALA B 21 12.52 -3.74 24.89
CA ALA B 21 12.34 -3.87 26.33
C ALA B 21 11.88 -2.54 26.93
N ASP B 22 12.22 -1.44 26.27
CA ASP B 22 11.84 -0.11 26.75
C ASP B 22 10.55 0.39 26.14
N VAL B 23 9.91 -0.44 25.32
CA VAL B 23 8.67 -0.07 24.66
C VAL B 23 7.42 -0.35 25.49
N ARG B 24 6.55 0.64 25.59
CA ARG B 24 5.29 0.49 26.34
C ARG B 24 4.11 0.83 25.45
N VAL B 25 3.05 0.03 25.54
CA VAL B 25 1.84 0.20 24.73
C VAL B 25 0.68 0.91 25.44
N ILE B 26 0.15 1.94 24.81
CA ILE B 26 -0.95 2.71 25.35
C ILE B 26 -2.25 2.37 24.62
N GLU B 27 -3.24 1.88 25.35
CA GLU B 27 -4.55 1.53 24.78
C GLU B 27 -4.49 0.44 23.71
N GLU B 28 -3.53 -0.46 23.83
CA GLU B 28 -3.41 -1.55 22.87
C GLU B 28 -3.16 -1.10 21.42
N SER B 29 -2.78 0.16 21.21
CA SER B 29 -2.54 0.64 19.87
C SER B 29 -1.33 1.54 19.66
N HIS B 30 -0.99 2.36 20.64
CA HIS B 30 0.12 3.29 20.51
C HIS B 30 1.34 2.87 21.29
N TYR B 31 2.50 3.00 20.66
CA TYR B 31 3.73 2.59 21.30
C TYR B 31 4.65 3.75 21.60
N THR B 32 5.18 3.75 22.81
CA THR B 32 6.08 4.79 23.29
C THR B 32 7.35 4.11 23.83
N VAL B 33 8.39 4.90 24.07
CA VAL B 33 9.65 4.37 24.56
C VAL B 33 10.04 5.05 25.88
N LEU B 34 10.51 4.26 26.83
CA LEU B 34 10.88 4.80 28.16
C LEU B 34 12.36 5.12 28.32
N GLY B 35 12.65 6.21 29.04
CA GLY B 35 14.03 6.59 29.28
C GLY B 35 14.60 7.79 28.53
N ASP B 36 15.70 8.31 29.07
CA ASP B 36 16.39 9.45 28.49
C ASP B 36 17.30 9.01 27.35
N ALA B 37 17.83 7.79 27.46
CA ALA B 37 18.71 7.26 26.43
C ALA B 37 18.03 7.44 25.07
N PHE B 38 16.72 7.20 25.01
CA PHE B 38 16.00 7.34 23.76
C PHE B 38 15.76 8.79 23.40
N LYS B 39 15.62 9.65 24.41
CA LYS B 39 15.39 11.06 24.15
C LYS B 39 16.54 11.74 23.40
N GLU B 40 17.73 11.14 23.46
CA GLU B 40 18.88 11.71 22.78
C GLU B 40 18.94 11.30 21.31
N CYS B 41 18.11 10.32 20.95
CA CYS B 41 18.10 9.84 19.57
C CYS B 41 17.14 10.54 18.61
N PHE B 42 16.30 11.44 19.11
CA PHE B 42 15.38 12.14 18.22
C PHE B 42 15.27 13.63 18.48
N VAL B 43 14.67 14.34 17.52
CA VAL B 43 14.45 15.77 17.62
C VAL B 43 13.01 16.00 17.17
N SER B 44 12.47 17.18 17.44
CA SER B 44 11.09 17.44 17.06
C SER B 44 10.78 18.87 16.62
N ARG B 45 9.67 19.01 15.92
CA ARG B 45 9.19 20.31 15.45
C ARG B 45 7.67 20.25 15.32
N PRO B 46 6.99 21.40 15.51
CA PRO B 46 5.52 21.48 15.40
C PRO B 46 4.89 20.73 14.23
N HIS B 47 3.75 20.11 14.49
CA HIS B 47 3.01 19.32 13.51
C HIS B 47 2.14 20.20 12.61
N PRO B 48 1.96 19.81 11.33
CA PRO B 48 1.15 20.55 10.37
C PRO B 48 -0.36 20.41 10.61
N LYS B 49 -0.86 19.19 10.44
CA LYS B 49 -2.29 18.89 10.66
C LYS B 49 -2.32 18.08 11.96
N PRO B 50 -2.45 18.78 13.10
CA PRO B 50 -2.44 17.89 14.26
C PRO B 50 -3.42 18.07 15.43
N LYS B 51 -2.87 17.70 16.58
CA LYS B 51 -3.46 17.78 17.91
C LYS B 51 -4.43 16.72 18.44
N GLN B 52 -5.64 17.14 18.80
CA GLN B 52 -6.61 16.24 19.41
C GLN B 52 -7.27 15.05 18.71
N PHE B 53 -7.06 13.88 19.32
CA PHE B 53 -7.63 12.61 18.89
C PHE B 53 -7.38 11.63 20.01
N SER B 54 -8.27 10.66 20.19
CA SER B 54 -8.10 9.69 21.29
C SER B 54 -7.92 10.50 22.57
N SER B 55 -6.91 10.14 23.35
CA SER B 55 -6.63 10.85 24.60
C SER B 55 -5.32 11.61 24.43
N PHE B 56 -4.94 11.87 23.18
CA PHE B 56 -3.69 12.57 22.90
C PHE B 56 -3.84 13.98 22.39
N GLU B 57 -2.75 14.74 22.52
CA GLU B 57 -2.69 16.10 22.03
C GLU B 57 -1.40 16.16 21.21
N LYS B 58 -1.48 15.76 19.95
CA LYS B 58 -0.33 15.76 19.04
C LYS B 58 0.37 17.12 19.12
N ARG B 59 1.53 17.16 19.76
CA ARG B 59 2.27 18.43 19.89
C ARG B 59 3.49 18.58 19.02
N ALA B 60 3.81 17.57 18.21
CA ALA B 60 4.99 17.62 17.33
C ALA B 60 5.32 16.31 16.65
N LYS B 61 5.97 16.43 15.50
CA LYS B 61 6.40 15.27 14.73
C LYS B 61 7.86 15.06 15.17
N ILE B 62 8.26 13.81 15.36
CA ILE B 62 9.63 13.54 15.78
C ILE B 62 10.44 12.90 14.65
N PHE B 63 11.74 13.15 14.65
CA PHE B 63 12.61 12.61 13.63
C PHE B 63 13.91 12.10 14.23
N CYS B 64 14.64 11.32 13.43
CA CYS B 64 15.93 10.79 13.83
C CYS B 64 16.92 11.93 14.09
N ALA B 65 17.55 11.91 15.27
CA ALA B 65 18.49 12.96 15.64
C ALA B 65 19.70 13.14 14.72
N ARG B 66 20.06 12.11 13.96
CA ARG B 66 21.21 12.25 13.07
C ARG B 66 20.93 13.33 12.04
N GLN B 67 21.71 14.40 12.12
CA GLN B 67 21.56 15.55 11.23
C GLN B 67 21.65 15.22 9.74
N ASN B 68 22.22 14.07 9.40
CA ASN B 68 22.33 13.67 8.00
C ASN B 68 21.26 12.63 7.63
N CYS B 69 20.22 12.53 8.46
CA CYS B 69 19.12 11.60 8.21
C CYS B 69 17.77 12.28 8.38
N SER B 70 17.43 12.61 9.62
CA SER B 70 16.17 13.28 9.93
C SER B 70 14.92 12.48 9.52
N HIS B 71 15.03 11.15 9.55
CA HIS B 71 13.91 10.30 9.19
C HIS B 71 12.73 10.50 10.13
N ASP B 72 11.52 10.45 9.56
CA ASP B 72 10.29 10.61 10.31
C ASP B 72 10.09 9.35 11.19
N TRP B 73 9.98 9.55 12.50
CA TRP B 73 9.81 8.44 13.43
C TRP B 73 8.45 8.42 14.09
N GLY B 74 7.79 9.56 14.12
CA GLY B 74 6.48 9.60 14.75
C GLY B 74 6.06 10.96 15.25
N ILE B 75 5.50 10.98 16.45
CA ILE B 75 5.00 12.22 17.03
C ILE B 75 5.24 12.32 18.53
N HIS B 76 5.05 13.53 19.06
CA HIS B 76 5.19 13.72 20.49
C HIS B 76 3.82 14.20 20.94
N VAL B 77 3.31 13.62 22.02
CA VAL B 77 2.00 13.98 22.48
C VAL B 77 1.89 14.24 23.98
N LYS B 78 0.84 14.95 24.34
CA LYS B 78 0.54 15.23 25.73
C LYS B 78 -0.50 14.16 26.06
N TYR B 79 -0.14 13.21 26.91
CA TYR B 79 -1.03 12.13 27.30
C TYR B 79 -1.21 12.23 28.79
N LYS B 80 -2.44 12.53 29.23
CA LYS B 80 -2.71 12.68 30.65
C LYS B 80 -1.77 13.74 31.20
N THR B 81 -0.95 13.38 32.18
CA THR B 81 -0.04 14.35 32.78
C THR B 81 1.38 14.25 32.22
N PHE B 82 1.60 13.32 31.29
CA PHE B 82 2.92 13.12 30.72
C PHE B 82 3.07 13.68 29.32
N GLU B 83 4.32 13.80 28.90
CA GLU B 83 4.67 14.27 27.57
C GLU B 83 5.56 13.15 27.03
N ILE B 84 5.06 12.42 26.05
CA ILE B 84 5.80 11.28 25.54
C ILE B 84 5.90 11.17 24.03
N PRO B 85 6.88 10.40 23.54
CA PRO B 85 7.05 10.21 22.10
C PRO B 85 6.22 8.97 21.75
N VAL B 86 5.66 8.92 20.55
CA VAL B 86 4.87 7.77 20.09
C VAL B 86 5.49 7.43 18.73
N ILE B 87 5.98 6.21 18.59
CA ILE B 87 6.65 5.79 17.35
C ILE B 87 5.89 4.82 16.46
N LYS B 88 6.21 4.86 15.17
CA LYS B 88 5.58 3.97 14.19
C LYS B 88 6.61 2.94 13.73
N ILE B 89 6.30 1.68 13.97
CA ILE B 89 7.21 0.58 13.63
C ILE B 89 7.65 0.62 12.17
N GLU B 90 6.88 1.34 11.35
CA GLU B 90 7.12 1.49 9.93
C GLU B 90 8.43 2.23 9.64
N SER B 91 8.95 2.93 10.64
CA SER B 91 10.17 3.69 10.48
C SER B 91 11.45 2.98 10.91
N PHE B 92 11.34 1.74 11.37
CA PHE B 92 12.51 1.03 11.89
C PHE B 92 12.80 -0.35 11.31
N VAL B 93 14.00 -0.81 11.57
CA VAL B 93 14.43 -2.13 11.16
C VAL B 93 14.42 -2.91 12.46
N VAL B 94 13.77 -4.06 12.50
CA VAL B 94 13.78 -4.82 13.74
C VAL B 94 14.92 -5.82 13.66
N GLU B 95 15.83 -5.77 14.61
CA GLU B 95 16.93 -6.71 14.63
C GLU B 95 16.88 -7.57 15.89
N ASP B 96 16.78 -8.87 15.69
CA ASP B 96 16.75 -9.81 16.80
C ASP B 96 18.20 -9.92 17.28
N ILE B 97 18.44 -9.54 18.53
CA ILE B 97 19.78 -9.57 19.08
C ILE B 97 20.48 -10.94 18.99
N ALA B 98 19.78 -11.97 19.45
CA ALA B 98 20.31 -13.33 19.45
C ALA B 98 20.76 -13.89 18.10
N THR B 99 20.10 -13.50 17.01
CA THR B 99 20.47 -14.04 15.70
C THR B 99 20.82 -13.00 14.64
N GLY B 100 20.72 -11.72 14.98
CA GLY B 100 21.03 -10.68 14.02
C GLY B 100 20.05 -10.55 12.87
N VAL B 101 19.03 -11.40 12.82
CA VAL B 101 18.05 -11.33 11.73
C VAL B 101 17.24 -10.04 11.78
N GLN B 102 17.20 -9.33 10.65
CA GLN B 102 16.46 -8.06 10.55
C GLN B 102 15.15 -8.21 9.79
N THR B 103 14.11 -7.54 10.30
CA THR B 103 12.80 -7.61 9.67
C THR B 103 12.13 -6.25 9.60
N LEU B 104 11.30 -6.06 8.57
CA LEU B 104 10.58 -4.80 8.39
C LEU B 104 9.07 -5.02 8.53
N TYR B 105 8.44 -4.30 9.45
CA TYR B 105 7.01 -4.42 9.71
C TYR B 105 6.31 -3.10 9.41
N SER B 106 5.22 -3.15 8.66
CA SER B 106 4.50 -1.92 8.34
C SER B 106 3.47 -1.60 9.43
N LYS B 107 3.09 -2.58 10.22
CA LYS B 107 2.10 -2.38 11.28
C LYS B 107 2.44 -3.07 12.60
N TRP B 108 2.30 -2.35 13.70
CA TRP B 108 2.61 -2.90 15.02
C TRP B 108 1.95 -4.25 15.26
N LYS B 109 0.72 -4.39 14.77
CA LYS B 109 -0.02 -5.62 14.95
C LYS B 109 0.69 -6.81 14.29
N ASP B 110 1.61 -6.53 13.36
CA ASP B 110 2.34 -7.61 12.68
C ASP B 110 3.63 -7.98 13.40
N PHE B 111 4.10 -7.09 14.27
CA PHE B 111 5.33 -7.28 15.03
C PHE B 111 5.04 -7.93 16.38
N HIS B 112 5.39 -9.20 16.51
CA HIS B 112 5.13 -9.96 17.72
C HIS B 112 6.28 -10.09 18.72
N PHE B 113 6.13 -9.42 19.86
CA PHE B 113 7.09 -9.44 20.95
C PHE B 113 6.27 -9.25 22.23
N GLU B 114 6.91 -9.34 23.39
CA GLU B 114 6.21 -9.18 24.66
C GLU B 114 5.85 -7.71 24.78
N LYS B 115 4.58 -7.39 24.54
CA LYS B 115 4.12 -6.01 24.60
C LYS B 115 3.69 -5.63 26.01
N ILE B 116 4.53 -4.86 26.67
CA ILE B 116 4.30 -4.40 28.03
C ILE B 116 3.42 -3.15 28.09
N PRO B 117 2.29 -3.22 28.80
CA PRO B 117 1.37 -2.08 28.92
C PRO B 117 1.98 -0.91 29.68
N PHE B 118 1.67 0.28 29.22
CA PHE B 118 2.15 1.53 29.83
C PHE B 118 1.51 1.61 31.23
N ASP B 119 2.24 2.13 32.20
CA ASP B 119 1.70 2.24 33.56
C ASP B 119 2.29 3.43 34.31
N PRO B 120 1.45 4.43 34.63
CA PRO B 120 1.87 5.63 35.35
C PRO B 120 2.78 5.36 36.57
N ALA B 121 2.53 4.29 37.29
CA ALA B 121 3.37 3.98 38.45
C ALA B 121 4.81 3.79 37.96
N GLU B 122 4.95 3.21 36.76
CA GLU B 122 6.28 3.00 36.20
C GLU B 122 6.88 4.37 35.92
N MET B 123 6.12 5.22 35.23
CA MET B 123 6.58 6.56 34.90
C MET B 123 7.08 7.26 36.15
N SER B 124 6.28 7.18 37.21
CA SER B 124 6.61 7.80 38.48
C SER B 124 7.86 7.22 39.15
N LYS B 125 7.89 5.90 39.31
CA LYS B 125 9.02 5.23 39.95
C LYS B 125 10.35 5.61 39.31
N LEU B 126 10.31 6.04 38.05
CA LEU B 126 11.52 6.41 37.34
C LEU B 126 11.82 7.90 37.39
N GLU B 127 10.85 8.70 37.82
CA GLU B 127 11.05 10.15 37.88
C GLU B 127 11.62 10.64 39.21
N HIS B 128 11.50 9.82 40.25
CA HIS B 128 12.03 10.18 41.55
C HIS B 128 12.91 9.07 42.09
ZN ZN E . -5.42 8.27 -20.65
ZN ZN F . 18.28 8.05 10.95
#